data_6YQ3
#
_entry.id   6YQ3
#
_cell.length_a   87.969
_cell.length_b   60.214
_cell.length_c   88.308
_cell.angle_alpha   90.000
_cell.angle_beta   102.458
_cell.angle_gamma   90.000
#
_symmetry.space_group_name_H-M   'I 1 2 1'
#
loop_
_entity.id
_entity.type
_entity.pdbx_description
1 polymer Monooxygenase
2 non-polymer 'NADP NICOTINAMIDE-ADENINE-DINUCLEOTIDE PHOSPHATE'
3 non-polymer (3~{R})-8-methoxy-3-methyl-3,6-bis(oxidanyl)-2,4-dihydrobenzo[a]anthracene-1,7,12-trione
4 non-polymer 1,2-ETHANEDIOL
5 water water
#
_entity_poly.entity_id   1
_entity_poly.type   'polypeptide(L)'
_entity_poly.pdbx_seq_one_letter_code
;MSRLTGKNALVTGSSRGIGRATAVRLAREGALVAVHYASNEAAADETVAQIEREGGRAFPVRAELGVAGDVHELFLGLEQ
GLKERTGETTLDILVNNAAVTGVDGILPEDVTAEQLDRYYAVNAKAPFLLVQRAVRNMPDGGRIINISSGLTRCAVPEQV
AYSMTKGALEQITLHMAKHLAPRGITVNSVAPGITDNGGAVFDIPEIVEQMAQSSAFKRVGEAGDVADVVTFIATDESRW
ITGAFIDASGGTLLG
;
_entity_poly.pdbx_strand_id   AAA,BBB
#
# COMPACT_ATOMS: atom_id res chain seq x y z
N SER A 2 0.50 -14.61 12.27
CA SER A 2 0.87 -14.11 13.63
C SER A 2 1.82 -12.94 13.48
N ARG A 3 1.49 -12.06 12.57
CA ARG A 3 2.34 -10.87 12.35
C ARG A 3 2.21 -9.85 13.47
N LEU A 4 1.18 -9.92 14.28
CA LEU A 4 0.91 -8.89 15.32
C LEU A 4 0.88 -9.50 16.72
N THR A 5 1.55 -10.66 16.90
CA THR A 5 1.68 -11.25 18.25
C THR A 5 2.26 -10.23 19.23
N GLY A 6 1.62 -10.11 20.38
CA GLY A 6 2.00 -9.25 21.51
C GLY A 6 1.74 -7.77 21.26
N LYS A 7 1.02 -7.46 20.20
CA LYS A 7 0.66 -6.04 19.96
C LYS A 7 -0.74 -5.78 20.49
N ASN A 8 -0.95 -4.51 20.83
CA ASN A 8 -2.27 -4.01 21.24
C ASN A 8 -2.79 -2.98 20.21
N ALA A 9 -4.03 -3.13 19.77
CA ALA A 9 -4.63 -2.27 18.73
C ALA A 9 -5.97 -1.70 19.22
N LEU A 10 -6.24 -0.47 18.88
CA LEU A 10 -7.56 0.14 19.06
C LEU A 10 -8.11 0.42 17.67
N VAL A 11 -9.30 -0.09 17.37
CA VAL A 11 -10.00 0.21 16.10
C VAL A 11 -11.22 0.98 16.52
N THR A 12 -11.28 2.28 16.23
CA THR A 12 -12.47 3.07 16.57
C THR A 12 -13.62 2.61 15.65
N GLY A 13 -14.82 2.55 16.18
CA GLY A 13 -15.98 2.16 15.37
C GLY A 13 -15.84 0.77 14.83
N SER A 14 -15.51 -0.23 15.68
CA SER A 14 -15.31 -1.63 15.21
C SER A 14 -16.46 -2.52 15.65
N SER A 15 -17.56 -1.93 16.09
CA SER A 15 -18.81 -2.70 16.33
C SER A 15 -19.43 -3.19 15.02
N ARG A 16 -19.17 -2.49 13.91
CA ARG A 16 -19.87 -2.68 12.62
C ARG A 16 -18.91 -2.45 11.45
N GLY A 17 -19.29 -2.91 10.26
CA GLY A 17 -18.74 -2.41 8.99
C GLY A 17 -17.25 -2.68 8.82
N ILE A 18 -16.57 -1.72 8.23
CA ILE A 18 -15.13 -1.85 7.92
C ILE A 18 -14.37 -2.01 9.25
N GLY A 19 -14.79 -1.32 10.29
CA GLY A 19 -14.05 -1.40 11.57
C GLY A 19 -14.18 -2.80 12.14
N ARG A 20 -15.35 -3.42 12.03
CA ARG A 20 -15.49 -4.81 12.53
C ARG A 20 -14.55 -5.70 11.75
N ALA A 21 -14.55 -5.58 10.42
CA ALA A 21 -13.73 -6.46 9.56
C ALA A 21 -12.25 -6.27 9.94
N THR A 22 -11.89 -5.04 10.26
CA THR A 22 -10.49 -4.67 10.62
C THR A 22 -10.11 -5.29 11.98
N ALA A 23 -10.97 -5.11 12.99
CA ALA A 23 -10.72 -5.70 14.30
C ALA A 23 -10.52 -7.20 14.13
N VAL A 24 -11.42 -7.86 13.41
CA VAL A 24 -11.36 -9.33 13.20
C VAL A 24 -10.01 -9.70 12.58
N ARG A 25 -9.55 -8.97 11.57
CA ARG A 25 -8.28 -9.29 10.89
C ARG A 25 -7.09 -8.96 11.75
N LEU A 26 -7.08 -7.88 12.51
CA LEU A 26 -5.91 -7.63 13.41
C LEU A 26 -5.81 -8.76 14.44
N ALA A 27 -6.95 -9.20 15.02
CA ALA A 27 -6.98 -10.26 16.05
C ALA A 27 -6.52 -11.59 15.47
N ARG A 28 -6.83 -11.87 14.22
CA ARG A 28 -6.34 -13.13 13.57
C ARG A 28 -4.82 -13.11 13.52
N GLU A 29 -4.17 -11.97 13.41
CA GLU A 29 -2.71 -11.82 13.35
C GLU A 29 -2.11 -11.78 14.76
N GLY A 30 -2.95 -11.88 15.79
CA GLY A 30 -2.49 -12.01 17.18
C GLY A 30 -2.58 -10.74 17.98
N ALA A 31 -3.08 -9.64 17.41
CA ALA A 31 -3.28 -8.42 18.25
C ALA A 31 -4.39 -8.60 19.26
N LEU A 32 -4.18 -8.04 20.45
CA LEU A 32 -5.25 -7.76 21.41
C LEU A 32 -6.02 -6.53 20.94
N VAL A 33 -7.30 -6.67 20.60
CA VAL A 33 -8.07 -5.58 19.93
C VAL A 33 -9.10 -4.96 20.88
N ALA A 34 -8.99 -3.65 21.08
CA ALA A 34 -10.01 -2.85 21.75
C ALA A 34 -11.04 -2.50 20.67
N VAL A 35 -12.26 -3.06 20.83
CA VAL A 35 -13.39 -2.88 19.90
C VAL A 35 -14.21 -1.71 20.43
N HIS A 36 -14.03 -0.56 19.83
CA HIS A 36 -14.67 0.70 20.30
C HIS A 36 -15.97 0.91 19.53
N TYR A 37 -16.95 1.48 20.22
CA TYR A 37 -18.25 1.79 19.66
C TYR A 37 -18.80 3.01 20.41
N ALA A 38 -19.86 3.57 19.84
CA ALA A 38 -20.56 4.73 20.39
C ALA A 38 -21.70 4.24 21.29
N SER A 39 -22.61 3.45 20.72
CA SER A 39 -23.81 3.06 21.50
C SER A 39 -24.25 1.65 21.18
N ASN A 40 -23.80 1.02 20.10
CA ASN A 40 -24.33 -0.31 19.72
C ASN A 40 -23.55 -1.39 20.47
N GLU A 41 -23.82 -1.57 21.74
CA GLU A 41 -23.06 -2.55 22.56
C GLU A 41 -23.27 -3.96 22.03
N ALA A 42 -24.47 -4.31 21.59
CA ALA A 42 -24.74 -5.66 21.09
C ALA A 42 -23.78 -5.94 19.91
N ALA A 43 -23.57 -4.97 19.02
CA ALA A 43 -22.74 -5.15 17.81
C ALA A 43 -21.28 -5.25 18.24
N ALA A 44 -20.85 -4.41 19.16
CA ALA A 44 -19.50 -4.51 19.74
C ALA A 44 -19.29 -5.91 20.31
N ASP A 45 -20.26 -6.40 21.09
CA ASP A 45 -20.08 -7.69 21.79
C ASP A 45 -19.97 -8.80 20.75
N GLU A 46 -20.64 -8.64 19.61
CA GLU A 46 -20.62 -9.62 18.50
C GLU A 46 -19.25 -9.63 17.82
N THR A 47 -18.66 -8.46 17.59
CA THR A 47 -17.29 -8.39 17.09
C THR A 47 -16.39 -9.14 18.05
N VAL A 48 -16.45 -8.83 19.34
CA VAL A 48 -15.57 -9.48 20.35
C VAL A 48 -15.80 -11.01 20.28
N ALA A 49 -17.06 -11.44 20.24
CA ALA A 49 -17.38 -12.88 20.26
C ALA A 49 -16.76 -13.56 19.04
N GLN A 50 -16.84 -12.92 17.88
CA GLN A 50 -16.22 -13.50 16.66
C GLN A 50 -14.71 -13.64 16.87
N ILE A 51 -14.07 -12.60 17.39
CA ILE A 51 -12.60 -12.68 17.60
C ILE A 51 -12.28 -13.85 18.55
N GLU A 52 -13.05 -13.97 19.61
CA GLU A 52 -12.79 -15.02 20.60
C GLU A 52 -13.02 -16.40 19.98
N ARG A 53 -14.09 -16.56 19.21
CA ARG A 53 -14.39 -17.86 18.53
C ARG A 53 -13.24 -18.27 17.63
N GLU A 54 -12.61 -17.29 16.97
CA GLU A 54 -11.48 -17.53 16.05
C GLU A 54 -10.15 -17.71 16.80
N GLY A 55 -10.15 -17.65 18.12
CA GLY A 55 -8.96 -17.88 18.96
C GLY A 55 -8.16 -16.67 19.32
N GLY A 56 -8.73 -15.49 19.15
CA GLY A 56 -8.02 -14.28 19.56
C GLY A 56 -8.61 -13.61 20.77
N ARG A 57 -8.15 -12.40 21.01
CA ARG A 57 -8.45 -11.69 22.27
C ARG A 57 -8.92 -10.28 21.89
N ALA A 58 -9.97 -9.84 22.51
CA ALA A 58 -10.57 -8.52 22.29
C ALA A 58 -11.41 -8.15 23.50
N PHE A 59 -11.72 -6.85 23.60
CA PHE A 59 -12.69 -6.38 24.61
C PHE A 59 -13.33 -5.11 24.07
N PRO A 60 -14.57 -4.80 24.53
CA PRO A 60 -15.26 -3.62 24.06
C PRO A 60 -14.93 -2.36 24.87
N VAL A 61 -15.00 -1.22 24.17
CA VAL A 61 -14.78 0.10 24.79
C VAL A 61 -15.83 1.06 24.29
N ARG A 62 -16.64 1.59 25.20
CA ARG A 62 -17.75 2.51 24.79
C ARG A 62 -17.24 3.93 24.89
N ALA A 63 -17.39 4.74 23.85
CA ALA A 63 -17.16 6.19 23.98
C ALA A 63 -17.76 6.86 22.76
N GLU A 64 -18.75 7.71 23.01
CA GLU A 64 -19.27 8.58 21.95
C GLU A 64 -18.21 9.65 21.65
N LEU A 65 -17.79 9.77 20.39
CA LEU A 65 -16.81 10.78 19.99
C LEU A 65 -17.53 12.03 19.54
N GLY A 66 -16.83 13.15 19.64
CA GLY A 66 -17.31 14.45 19.19
C GLY A 66 -18.10 15.15 20.25
N VAL A 67 -17.89 14.81 21.50
CA VAL A 67 -18.49 15.48 22.68
C VAL A 67 -17.42 15.66 23.76
N ALA A 68 -17.64 16.63 24.65
CA ALA A 68 -16.74 16.87 25.79
C ALA A 68 -16.48 15.54 26.48
N GLY A 69 -15.22 15.29 26.77
CA GLY A 69 -14.77 14.14 27.58
C GLY A 69 -14.61 12.86 26.76
N ASP A 70 -14.78 12.93 25.44
CA ASP A 70 -14.75 11.70 24.61
C ASP A 70 -13.40 10.97 24.72
N VAL A 71 -12.27 11.67 24.52
CA VAL A 71 -10.95 11.01 24.47
C VAL A 71 -10.65 10.40 25.85
N HIS A 72 -10.96 11.16 26.90
CA HIS A 72 -10.71 10.71 28.28
C HIS A 72 -11.54 9.45 28.54
N GLU A 73 -12.80 9.45 28.11
CA GLU A 73 -13.68 8.27 28.34
C GLU A 73 -13.10 7.05 27.61
N LEU A 74 -12.71 7.26 26.36
CA LEU A 74 -12.21 6.12 25.53
C LEU A 74 -10.95 5.55 26.21
N PHE A 75 -10.00 6.42 26.57
CA PHE A 75 -8.72 5.98 27.15
C PHE A 75 -8.94 5.40 28.54
N LEU A 76 -9.96 5.79 29.28
CA LEU A 76 -10.24 5.11 30.58
C LEU A 76 -10.54 3.62 30.32
N GLY A 77 -11.45 3.33 29.40
CA GLY A 77 -11.80 1.95 29.09
C GLY A 77 -10.65 1.19 28.44
N LEU A 78 -9.97 1.82 27.50
CA LEU A 78 -8.86 1.18 26.78
C LEU A 78 -7.77 0.76 27.77
N GLU A 79 -7.31 1.70 28.59
CA GLU A 79 -6.20 1.41 29.47
C GLU A 79 -6.64 0.39 30.52
N GLN A 80 -7.87 0.46 31.02
CA GLN A 80 -8.32 -0.54 32.01
C GLN A 80 -8.25 -1.93 31.35
N GLY A 81 -8.77 -2.08 30.14
CA GLY A 81 -8.81 -3.41 29.49
C GLY A 81 -7.41 -3.88 29.11
N LEU A 82 -6.52 -2.99 28.67
CA LEU A 82 -5.12 -3.39 28.38
C LEU A 82 -4.42 -3.82 29.66
N LYS A 83 -4.60 -3.05 30.71
CA LYS A 83 -3.88 -3.32 31.97
C LYS A 83 -4.36 -4.66 32.56
N GLU A 84 -5.66 -4.96 32.51
CA GLU A 84 -6.18 -6.24 33.08
C GLU A 84 -5.64 -7.40 32.29
N ARG A 85 -5.45 -7.25 31.00
CA ARG A 85 -5.09 -8.39 30.12
C ARG A 85 -3.58 -8.53 29.91
N THR A 86 -2.77 -7.50 30.14
CA THR A 86 -1.32 -7.51 29.77
C THR A 86 -0.45 -6.99 30.91
N GLY A 87 -1.03 -6.26 31.85
CA GLY A 87 -0.30 -5.55 32.92
C GLY A 87 0.31 -4.26 32.43
N GLU A 88 0.01 -3.86 31.19
CA GLU A 88 0.62 -2.67 30.54
C GLU A 88 -0.52 -1.89 29.88
N THR A 89 -0.25 -0.66 29.53
CA THR A 89 -1.21 0.18 28.77
C THR A 89 -0.64 0.56 27.39
N THR A 90 0.35 -0.18 26.92
CA THR A 90 0.99 0.04 25.60
C THR A 90 -0.06 -0.03 24.50
N LEU A 91 -0.04 0.98 23.62
CA LEU A 91 -0.86 0.95 22.40
C LEU A 91 0.03 0.97 21.16
N ASP A 92 0.02 -0.10 20.43
CA ASP A 92 0.90 -0.25 19.24
C ASP A 92 0.21 0.37 18.02
N ILE A 93 -1.09 0.16 17.86
CA ILE A 93 -1.84 0.42 16.60
C ILE A 93 -3.11 1.23 16.95
N LEU A 94 -3.31 2.35 16.27
CA LEU A 94 -4.53 3.15 16.33
C LEU A 94 -5.11 3.17 14.90
N VAL A 95 -6.35 2.77 14.78
CA VAL A 95 -7.09 2.87 13.50
C VAL A 95 -8.21 3.87 13.71
N ASN A 96 -8.08 5.07 13.16
CA ASN A 96 -9.20 6.05 13.21
C ASN A 96 -10.21 5.74 12.11
N ASN A 97 -11.12 4.86 12.43
CA ASN A 97 -12.11 4.28 11.49
C ASN A 97 -13.50 4.87 11.74
N ALA A 98 -13.87 5.12 13.00
CA ALA A 98 -15.22 5.65 13.26
C ALA A 98 -15.42 6.97 12.50
N ALA A 99 -16.64 7.18 12.01
CA ALA A 99 -17.04 8.43 11.35
C ALA A 99 -18.56 8.54 11.31
N VAL A 100 -19.02 9.79 11.19
CA VAL A 100 -20.37 10.15 10.71
C VAL A 100 -20.36 10.08 9.20
N THR A 101 -21.38 9.49 8.62
CA THR A 101 -21.53 9.41 7.12
C THR A 101 -22.92 9.86 6.64
N ASP A 104 -27.29 9.32 1.97
CA ASP A 104 -27.23 9.86 0.59
C ASP A 104 -26.67 11.30 0.59
N GLY A 105 -25.95 11.66 1.61
CA GLY A 105 -25.33 12.98 1.73
C GLY A 105 -26.33 14.08 2.03
N ILE A 106 -25.89 15.32 1.77
CA ILE A 106 -26.66 16.58 2.00
C ILE A 106 -26.32 17.51 0.84
N LEU A 107 -27.30 18.03 0.15
CA LEU A 107 -27.04 18.96 -0.96
C LEU A 107 -26.36 20.18 -0.37
N PRO A 108 -25.41 20.80 -1.10
CA PRO A 108 -24.69 21.93 -0.49
C PRO A 108 -25.61 23.04 0.03
N GLU A 109 -26.69 23.32 -0.65
CA GLU A 109 -27.60 24.39 -0.21
C GLU A 109 -28.28 24.06 1.10
N ASP A 110 -28.34 22.80 1.48
CA ASP A 110 -29.13 22.34 2.64
C ASP A 110 -28.22 22.11 3.86
N VAL A 111 -26.88 22.14 3.67
CA VAL A 111 -25.97 21.90 4.80
C VAL A 111 -26.14 23.00 5.83
N THR A 112 -26.21 22.66 7.08
CA THR A 112 -26.31 23.64 8.18
C THR A 112 -25.01 23.72 8.93
N ALA A 113 -24.87 24.77 9.73
CA ALA A 113 -23.69 24.94 10.60
C ALA A 113 -23.63 23.78 11.55
N GLU A 114 -24.75 23.38 12.15
CA GLU A 114 -24.80 22.26 13.09
C GLU A 114 -24.28 20.98 12.41
N GLN A 115 -24.67 20.71 11.17
CA GLN A 115 -24.15 19.50 10.45
C GLN A 115 -22.64 19.61 10.21
N LEU A 116 -22.17 20.78 9.78
CA LEU A 116 -20.70 20.99 9.58
C LEU A 116 -19.96 20.76 10.89
N ASP A 117 -20.51 21.18 12.02
CA ASP A 117 -19.81 20.99 13.29
C ASP A 117 -19.80 19.50 13.66
N ARG A 118 -20.90 18.78 13.49
CA ARG A 118 -20.97 17.36 13.91
C ARG A 118 -19.99 16.53 13.06
N TYR A 119 -20.02 16.72 11.76
CA TYR A 119 -19.10 15.97 10.85
C TYR A 119 -17.67 16.26 11.29
N TYR A 120 -17.31 17.52 11.51
CA TYR A 120 -15.90 17.82 11.84
CA TYR A 120 -15.92 17.90 11.89
C TYR A 120 -15.54 17.27 13.23
N ALA A 121 -16.47 17.36 14.19
CA ALA A 121 -16.19 16.91 15.56
C ALA A 121 -15.78 15.43 15.53
N VAL A 122 -16.59 14.63 14.83
CA VAL A 122 -16.38 13.17 14.83
C VAL A 122 -15.24 12.78 13.87
N ASN A 123 -15.19 13.41 12.70
CA ASN A 123 -14.41 12.86 11.55
C ASN A 123 -13.00 13.44 11.46
N ALA A 124 -12.71 14.57 12.08
CA ALA A 124 -11.40 15.22 11.96
C ALA A 124 -10.88 15.61 13.33
N LYS A 125 -11.66 16.33 14.12
CA LYS A 125 -11.20 16.78 15.45
C LYS A 125 -10.92 15.58 16.38
N ALA A 126 -11.86 14.66 16.47
CA ALA A 126 -11.65 13.52 17.39
C ALA A 126 -10.43 12.70 16.93
N PRO A 127 -10.29 12.33 15.64
CA PRO A 127 -9.06 11.66 15.17
C PRO A 127 -7.77 12.35 15.57
N PHE A 128 -7.73 13.67 15.44
CA PHE A 128 -6.53 14.40 15.86
C PHE A 128 -6.29 14.18 17.33
N LEU A 129 -7.33 14.42 18.14
CA LEU A 129 -7.13 14.31 19.60
C LEU A 129 -6.80 12.88 20.05
N LEU A 130 -7.33 11.90 19.32
CA LEU A 130 -7.00 10.50 19.62
C LEU A 130 -5.56 10.23 19.25
N VAL A 131 -5.04 10.73 18.16
CA VAL A 131 -3.59 10.57 17.84
C VAL A 131 -2.77 11.20 18.95
N GLN A 132 -3.11 12.43 19.27
CA GLN A 132 -2.37 13.21 20.31
C GLN A 132 -2.26 12.37 21.59
N ARG A 133 -3.35 11.77 22.04
CA ARG A 133 -3.40 11.00 23.30
C ARG A 133 -2.71 9.65 23.09
N ALA A 134 -2.97 8.98 21.99
CA ALA A 134 -2.48 7.61 21.74
C ALA A 134 -0.96 7.57 21.74
N VAL A 135 -0.30 8.60 21.25
CA VAL A 135 1.17 8.48 21.17
C VAL A 135 1.80 8.47 22.57
N ARG A 136 1.11 8.85 23.63
CA ARG A 136 1.69 8.81 24.99
C ARG A 136 2.05 7.35 25.34
N ASN A 137 1.26 6.42 24.84
CA ASN A 137 1.31 4.99 25.16
C ASN A 137 2.03 4.20 24.06
N MET A 138 2.47 4.87 23.00
CA MET A 138 2.82 4.15 21.74
C MET A 138 4.32 4.02 21.65
N PRO A 139 4.83 2.79 21.50
CA PRO A 139 6.25 2.59 21.36
C PRO A 139 6.76 2.92 19.97
N ASP A 140 8.07 3.01 19.88
CA ASP A 140 8.74 3.13 18.59
C ASP A 140 8.30 1.94 17.75
N GLY A 141 7.96 2.22 16.48
CA GLY A 141 7.48 1.20 15.57
C GLY A 141 5.98 1.08 15.52
N GLY A 142 5.25 1.98 16.17
CA GLY A 142 3.80 1.98 16.16
C GLY A 142 3.20 2.38 14.80
N ARG A 143 1.87 2.31 14.78
CA ARG A 143 1.12 2.52 13.53
C ARG A 143 -0.11 3.37 13.80
N ILE A 144 -0.33 4.40 13.01
CA ILE A 144 -1.55 5.25 13.03
C ILE A 144 -2.15 5.18 11.62
N ILE A 145 -3.40 4.73 11.54
CA ILE A 145 -4.04 4.50 10.23
C ILE A 145 -5.35 5.27 10.27
N ASN A 146 -5.50 6.24 9.34
CA ASN A 146 -6.69 7.09 9.26
C ASN A 146 -7.53 6.58 8.11
N ILE A 147 -8.78 6.22 8.32
CA ILE A 147 -9.65 5.76 7.22
C ILE A 147 -10.31 6.99 6.57
N SER A 148 -9.95 7.27 5.33
CA SER A 148 -10.46 8.47 4.62
C SER A 148 -11.57 8.00 3.69
N SER A 149 -11.57 8.53 2.49
CA SER A 149 -12.60 8.25 1.47
C SER A 149 -12.04 8.66 0.12
N GLY A 150 -12.32 7.92 -0.93
CA GLY A 150 -11.97 8.39 -2.26
C GLY A 150 -12.67 9.69 -2.65
N LEU A 151 -13.72 10.09 -1.92
CA LEU A 151 -14.37 11.39 -2.20
C LEU A 151 -13.44 12.58 -2.02
N THR A 152 -12.31 12.44 -1.38
CA THR A 152 -11.35 13.58 -1.30
C THR A 152 -10.73 13.84 -2.69
N ARG A 153 -10.94 12.95 -3.67
CA ARG A 153 -10.33 13.02 -5.02
CA ARG A 153 -10.35 13.11 -5.02
C ARG A 153 -11.41 13.00 -6.11
N CYS A 154 -12.68 12.81 -5.74
CA CYS A 154 -13.78 12.55 -6.68
CA CYS A 154 -13.81 12.52 -6.66
C CYS A 154 -14.93 13.49 -6.31
N ALA A 155 -15.30 14.44 -7.19
CA ALA A 155 -16.30 15.46 -6.87
C ALA A 155 -17.70 14.87 -6.80
N VAL A 156 -18.36 15.09 -5.69
CA VAL A 156 -19.76 14.65 -5.44
C VAL A 156 -20.35 15.74 -4.56
N PRO A 157 -21.06 16.70 -5.15
CA PRO A 157 -21.58 17.84 -4.38
C PRO A 157 -22.31 17.46 -3.11
N GLU A 158 -23.15 16.40 -3.12
CA GLU A 158 -23.95 16.07 -1.93
C GLU A 158 -23.05 15.41 -0.85
N GLN A 159 -21.76 15.25 -1.09
CA GLN A 159 -20.85 14.83 0.01
C GLN A 159 -19.85 15.91 0.35
N VAL A 160 -20.12 17.18 0.01
CA VAL A 160 -19.18 18.24 0.37
C VAL A 160 -18.88 18.25 1.88
N ALA A 161 -19.86 18.16 2.78
CA ALA A 161 -19.64 18.39 4.22
C ALA A 161 -18.77 17.26 4.75
N TYR A 162 -19.13 16.04 4.38
CA TYR A 162 -18.38 14.84 4.77
C TYR A 162 -16.96 14.95 4.19
N SER A 163 -16.84 15.29 2.92
CA SER A 163 -15.53 15.25 2.21
C SER A 163 -14.63 16.29 2.85
N MET A 164 -15.17 17.46 3.29
CA MET A 164 -14.34 18.49 3.98
C MET A 164 -13.61 17.85 5.15
N THR A 165 -14.31 17.01 5.90
CA THR A 165 -13.74 16.38 7.12
C THR A 165 -12.69 15.34 6.74
N LYS A 166 -12.87 14.60 5.66
CA LYS A 166 -11.87 13.63 5.20
C LYS A 166 -10.67 14.39 4.64
N GLY A 167 -10.84 15.57 4.04
CA GLY A 167 -9.67 16.35 3.62
C GLY A 167 -8.85 16.77 4.82
N ALA A 168 -9.51 17.18 5.91
CA ALA A 168 -8.83 17.54 7.16
C ALA A 168 -8.13 16.29 7.74
N LEU A 169 -8.78 15.17 7.72
CA LEU A 169 -8.22 13.88 8.23
C LEU A 169 -6.92 13.59 7.48
N GLU A 170 -6.90 13.74 6.17
CA GLU A 170 -5.69 13.45 5.36
C GLU A 170 -4.57 14.38 5.73
N GLN A 171 -4.90 15.60 6.22
CA GLN A 171 -3.81 16.48 6.66
C GLN A 171 -3.18 15.96 7.96
N ILE A 172 -3.99 15.36 8.83
CA ILE A 172 -3.43 14.68 10.02
C ILE A 172 -2.39 13.65 9.55
N THR A 173 -2.67 12.88 8.55
CA THR A 173 -1.71 11.91 7.97
C THR A 173 -0.43 12.62 7.53
N LEU A 174 -0.54 13.70 6.76
CA LEU A 174 0.64 14.32 6.17
C LEU A 174 1.54 14.80 7.31
N HIS A 175 0.98 15.68 8.12
CA HIS A 175 1.77 16.47 9.06
C HIS A 175 2.21 15.60 10.26
N MET A 176 1.37 14.69 10.71
CA MET A 176 1.78 13.80 11.82
C MET A 176 2.78 12.75 11.34
N ALA A 177 2.76 12.31 10.08
CA ALA A 177 3.81 11.42 9.59
C ALA A 177 5.19 12.03 9.76
N LYS A 178 5.31 13.32 9.41
CA LYS A 178 6.61 14.00 9.60
C LYS A 178 6.94 14.12 11.09
N HIS A 179 5.95 14.47 11.90
CA HIS A 179 6.16 14.75 13.34
C HIS A 179 6.62 13.46 14.03
N LEU A 180 6.03 12.35 13.69
CA LEU A 180 6.26 11.07 14.42
C LEU A 180 7.36 10.20 13.80
N ALA A 181 7.88 10.56 12.62
CA ALA A 181 8.93 9.80 11.93
C ALA A 181 10.13 9.51 12.86
N PRO A 182 10.57 10.47 13.71
CA PRO A 182 11.72 10.22 14.59
C PRO A 182 11.49 9.08 15.54
N ARG A 183 10.24 8.80 15.86
CA ARG A 183 9.87 7.70 16.79
CA ARG A 183 9.89 7.70 16.78
C ARG A 183 9.63 6.41 16.00
N GLY A 184 9.75 6.41 14.70
CA GLY A 184 9.44 5.22 13.89
C GLY A 184 7.99 4.86 13.95
N ILE A 185 7.11 5.83 14.19
CA ILE A 185 5.67 5.59 14.11
C ILE A 185 5.21 6.05 12.75
N THR A 186 4.54 5.19 11.99
CA THR A 186 4.05 5.59 10.65
C THR A 186 2.63 6.10 10.78
N VAL A 187 2.26 6.99 9.85
CA VAL A 187 0.88 7.55 9.79
C VAL A 187 0.45 7.54 8.35
N ASN A 188 -0.66 6.85 8.07
CA ASN A 188 -1.09 6.69 6.67
C ASN A 188 -2.60 6.78 6.57
N SER A 189 -3.08 7.20 5.40
CA SER A 189 -4.52 7.22 5.06
C SER A 189 -4.84 6.00 4.25
N VAL A 190 -5.96 5.31 4.55
CA VAL A 190 -6.47 4.27 3.64
C VAL A 190 -7.84 4.79 3.16
N ALA A 191 -8.03 4.90 1.86
CA ALA A 191 -9.23 5.50 1.28
C ALA A 191 -10.12 4.46 0.64
N PRO A 192 -11.24 4.09 1.29
CA PRO A 192 -12.19 3.20 0.62
C PRO A 192 -13.01 3.94 -0.43
N GLY A 193 -13.56 3.12 -1.35
CA GLY A 193 -14.71 3.51 -2.17
C GLY A 193 -16.00 3.07 -1.52
N ILE A 194 -17.06 2.93 -2.27
CA ILE A 194 -18.34 2.40 -1.73
C ILE A 194 -18.08 0.98 -1.27
N THR A 195 -18.39 0.71 -0.02
CA THR A 195 -18.07 -0.54 0.68
C THR A 195 -19.31 -1.02 1.45
N ASP A 196 -19.64 -2.29 1.30
CA ASP A 196 -20.78 -2.94 2.00
C ASP A 196 -20.48 -3.01 3.49
N ASN A 197 -21.15 -2.17 4.29
CA ASN A 197 -20.97 -2.15 5.76
C ASN A 197 -22.13 -2.82 6.48
N GLY A 198 -22.98 -3.55 5.74
CA GLY A 198 -24.13 -4.29 6.33
C GLY A 198 -25.33 -3.39 6.52
N GLY A 199 -25.26 -2.15 6.03
CA GLY A 199 -26.39 -1.22 5.96
C GLY A 199 -27.52 -1.80 5.14
N ALA A 200 -28.75 -1.41 5.45
CA ALA A 200 -29.93 -1.88 4.71
C ALA A 200 -29.83 -1.61 3.21
N VAL A 201 -29.19 -0.54 2.78
CA VAL A 201 -29.12 -0.21 1.32
C VAL A 201 -28.40 -1.35 0.56
N PHE A 202 -27.55 -2.14 1.22
CA PHE A 202 -26.73 -3.19 0.57
C PHE A 202 -27.57 -4.48 0.42
N ASP A 203 -28.82 -4.47 0.92
CA ASP A 203 -29.75 -5.59 0.77
C ASP A 203 -30.61 -5.35 -0.46
N ILE A 204 -30.49 -4.20 -1.12
CA ILE A 204 -31.33 -3.85 -2.29
C ILE A 204 -30.51 -4.03 -3.57
N PRO A 205 -30.61 -5.17 -4.31
CA PRO A 205 -29.78 -5.45 -5.49
C PRO A 205 -29.73 -4.34 -6.55
N GLU A 206 -30.88 -3.72 -6.85
CA GLU A 206 -30.97 -2.58 -7.80
C GLU A 206 -29.93 -1.52 -7.41
N ILE A 207 -29.92 -1.08 -6.16
CA ILE A 207 -29.07 0.07 -5.75
C ILE A 207 -27.61 -0.42 -5.70
N VAL A 208 -27.38 -1.64 -5.22
CA VAL A 208 -26.02 -2.23 -5.15
C VAL A 208 -25.44 -2.25 -6.56
N GLU A 209 -26.27 -2.62 -7.54
CA GLU A 209 -25.80 -2.66 -8.95
C GLU A 209 -25.42 -1.27 -9.43
N GLN A 210 -26.16 -0.20 -9.10
CA GLN A 210 -25.77 1.18 -9.51
C GLN A 210 -24.49 1.57 -8.77
N MET A 211 -24.41 1.31 -7.46
CA MET A 211 -23.21 1.67 -6.65
C MET A 211 -21.98 0.94 -7.20
N ALA A 212 -22.16 -0.31 -7.61
CA ALA A 212 -21.07 -1.18 -8.14
C ALA A 212 -20.38 -0.51 -9.33
N GLN A 213 -21.09 0.34 -10.10
CA GLN A 213 -20.52 0.88 -11.37
C GLN A 213 -19.35 1.84 -11.07
N SER A 214 -19.23 2.29 -9.82
CA SER A 214 -18.24 3.28 -9.38
C SER A 214 -16.86 2.61 -9.39
N SER A 215 -16.78 1.32 -9.14
CA SER A 215 -15.51 0.59 -9.08
C SER A 215 -15.10 0.17 -10.48
N ALA A 216 -13.79 0.16 -10.76
CA ALA A 216 -13.30 -0.43 -12.05
C ALA A 216 -13.66 -1.92 -12.14
N PHE A 217 -13.85 -2.64 -11.04
CA PHE A 217 -14.18 -4.07 -11.00
C PHE A 217 -15.69 -4.29 -11.09
N LYS A 218 -16.47 -3.22 -11.07
CA LYS A 218 -17.95 -3.30 -11.23
C LYS A 218 -18.53 -4.20 -10.16
N ARG A 219 -18.02 -4.09 -8.95
CA ARG A 219 -18.63 -4.61 -7.72
C ARG A 219 -18.43 -3.58 -6.62
N VAL A 220 -19.32 -3.57 -5.64
CA VAL A 220 -19.06 -2.76 -4.44
C VAL A 220 -17.93 -3.45 -3.67
N GLY A 221 -17.22 -2.70 -2.85
CA GLY A 221 -16.22 -3.29 -1.95
C GLY A 221 -16.86 -4.08 -0.84
N GLU A 222 -16.19 -5.11 -0.37
CA GLU A 222 -16.55 -5.80 0.85
C GLU A 222 -15.74 -5.14 1.97
N ALA A 223 -16.26 -5.15 3.17
CA ALA A 223 -15.53 -4.62 4.31
C ALA A 223 -14.16 -5.29 4.39
N GLY A 224 -14.07 -6.62 4.13
CA GLY A 224 -12.78 -7.27 4.21
C GLY A 224 -11.77 -6.77 3.17
N ASP A 225 -12.22 -6.26 2.03
CA ASP A 225 -11.30 -5.77 0.96
C ASP A 225 -10.51 -4.60 1.51
N VAL A 226 -11.18 -3.72 2.24
CA VAL A 226 -10.53 -2.57 2.87
C VAL A 226 -9.74 -3.03 4.09
N ALA A 227 -10.34 -3.86 4.96
CA ALA A 227 -9.68 -4.31 6.19
C ALA A 227 -8.41 -5.06 5.88
N ASP A 228 -8.31 -5.80 4.76
CA ASP A 228 -7.06 -6.53 4.42
C ASP A 228 -5.95 -5.50 4.21
N VAL A 229 -6.29 -4.35 3.60
CA VAL A 229 -5.24 -3.31 3.37
C VAL A 229 -4.86 -2.67 4.69
N VAL A 230 -5.82 -2.31 5.50
CA VAL A 230 -5.51 -1.76 6.84
C VAL A 230 -4.59 -2.70 7.61
N THR A 231 -4.91 -3.99 7.61
CA THR A 231 -4.13 -5.00 8.35
C THR A 231 -2.70 -5.00 7.84
N PHE A 232 -2.47 -4.97 6.52
CA PHE A 232 -1.10 -4.91 6.00
C PHE A 232 -0.37 -3.67 6.54
N ILE A 233 -1.02 -2.49 6.49
CA ILE A 233 -0.36 -1.27 6.97
C ILE A 233 -0.01 -1.43 8.45
N ALA A 234 -0.83 -2.13 9.23
CA ALA A 234 -0.56 -2.33 10.68
C ALA A 234 0.67 -3.21 10.93
N THR A 235 1.17 -3.95 9.93
CA THR A 235 2.30 -4.91 10.11
C THR A 235 3.67 -4.26 9.93
N ASP A 236 4.73 -4.96 10.34
CA ASP A 236 6.12 -4.45 10.23
C ASP A 236 6.51 -4.22 8.77
N GLU A 237 5.93 -4.97 7.80
CA GLU A 237 6.38 -4.93 6.40
C GLU A 237 5.94 -3.65 5.70
N SER A 238 5.12 -2.82 6.33
CA SER A 238 4.75 -1.51 5.77
C SER A 238 5.69 -0.42 6.27
N ARG A 239 6.76 -0.72 6.96
CA ARG A 239 7.56 0.29 7.73
C ARG A 239 8.03 1.41 6.81
N TRP A 240 8.22 1.17 5.51
CA TRP A 240 8.77 2.21 4.62
C TRP A 240 7.67 3.04 3.97
N ILE A 241 6.43 2.88 4.42
CA ILE A 241 5.28 3.65 3.93
C ILE A 241 4.87 4.55 5.08
N THR A 242 4.97 5.88 4.86
CA THR A 242 4.44 6.85 5.82
C THR A 242 4.01 8.10 5.08
N GLY A 243 3.00 8.72 5.65
CA GLY A 243 2.44 9.95 5.08
C GLY A 243 1.72 9.71 3.81
N ALA A 244 1.26 8.50 3.53
CA ALA A 244 0.78 8.10 2.20
C ALA A 244 -0.73 8.08 2.15
N PHE A 245 -1.26 8.23 0.95
CA PHE A 245 -2.63 7.97 0.54
C PHE A 245 -2.69 6.60 -0.11
N ILE A 246 -3.33 5.64 0.52
CA ILE A 246 -3.38 4.24 0.04
C ILE A 246 -4.81 4.07 -0.48
N ASP A 247 -4.91 3.90 -1.78
CA ASP A 247 -6.20 3.77 -2.46
C ASP A 247 -6.70 2.33 -2.27
N ALA A 248 -7.75 2.17 -1.47
CA ALA A 248 -8.39 0.86 -1.28
C ALA A 248 -9.83 0.97 -1.76
N SER A 249 -10.01 1.43 -2.99
CA SER A 249 -11.33 1.75 -3.55
C SER A 249 -11.72 0.83 -4.70
N GLY A 250 -10.92 -0.22 -5.00
CA GLY A 250 -11.26 -1.04 -6.17
C GLY A 250 -11.26 -0.22 -7.44
N GLY A 251 -10.32 0.70 -7.59
CA GLY A 251 -10.17 1.45 -8.85
C GLY A 251 -11.31 2.45 -9.08
N THR A 252 -11.86 3.03 -8.01
CA THR A 252 -12.94 4.05 -8.12
C THR A 252 -12.35 5.31 -8.75
N LEU A 253 -11.11 5.65 -8.43
CA LEU A 253 -10.59 6.95 -8.94
C LEU A 253 -10.15 6.85 -10.42
N LEU A 254 -10.29 5.70 -11.10
CA LEU A 254 -9.95 5.54 -12.53
C LEU A 254 -11.09 6.11 -13.37
N GLY A 255 -12.29 6.16 -12.81
CA GLY A 255 -13.53 6.43 -13.58
C GLY A 255 -13.89 5.20 -14.40
N SER B 2 3.48 -18.38 2.99
CA SER B 2 3.24 -19.12 1.75
C SER B 2 2.02 -18.55 1.02
N ARG B 3 2.00 -17.24 0.88
CA ARG B 3 0.87 -16.57 0.19
C ARG B 3 0.90 -16.77 -1.32
N LEU B 4 2.03 -17.17 -1.90
CA LEU B 4 2.17 -17.26 -3.37
C LEU B 4 2.44 -18.70 -3.81
N THR B 5 2.06 -19.69 -2.99
CA THR B 5 2.15 -21.12 -3.39
C THR B 5 1.46 -21.32 -4.73
N GLY B 6 2.17 -21.95 -5.69
CA GLY B 6 1.58 -22.29 -6.99
C GLY B 6 1.59 -21.14 -7.98
N LYS B 7 2.21 -20.00 -7.61
CA LYS B 7 2.24 -18.83 -8.51
C LYS B 7 3.60 -18.74 -9.17
N ASN B 8 3.60 -18.19 -10.36
CA ASN B 8 4.81 -17.92 -11.14
C ASN B 8 4.97 -16.40 -11.28
N ALA B 9 6.21 -15.90 -11.09
CA ALA B 9 6.48 -14.44 -11.09
C ALA B 9 7.67 -14.19 -11.97
N LEU B 10 7.63 -13.06 -12.67
CA LEU B 10 8.80 -12.53 -13.35
C LEU B 10 9.16 -11.25 -12.69
N VAL B 11 10.39 -11.13 -12.24
CA VAL B 11 10.90 -9.86 -11.72
C VAL B 11 11.98 -9.43 -12.70
N THR B 12 11.70 -8.38 -13.47
CA THR B 12 12.76 -7.88 -14.38
C THR B 12 13.89 -7.25 -13.56
N GLY B 13 15.10 -7.40 -14.01
CA GLY B 13 16.24 -6.78 -13.31
C GLY B 13 16.34 -7.27 -11.87
N SER B 14 16.36 -8.61 -11.69
CA SER B 14 16.43 -9.16 -10.33
C SER B 14 17.80 -9.78 -10.07
N SER B 15 18.79 -9.48 -10.89
CA SER B 15 20.18 -9.89 -10.58
C SER B 15 20.72 -9.13 -9.38
N ARG B 16 20.21 -7.92 -9.12
CA ARG B 16 20.83 -6.96 -8.18
C ARG B 16 19.74 -6.10 -7.53
N GLY B 17 20.10 -5.46 -6.42
CA GLY B 17 19.38 -4.33 -5.85
C GLY B 17 17.95 -4.68 -5.45
N ILE B 18 17.02 -3.76 -5.70
CA ILE B 18 15.61 -3.98 -5.27
C ILE B 18 15.03 -5.22 -5.96
N GLY B 19 15.40 -5.45 -7.21
CA GLY B 19 14.84 -6.62 -7.94
C GLY B 19 15.31 -7.93 -7.29
N ARG B 20 16.56 -7.97 -6.88
CA ARG B 20 17.08 -9.17 -6.15
C ARG B 20 16.23 -9.36 -4.91
N ALA B 21 16.09 -8.31 -4.13
CA ALA B 21 15.37 -8.45 -2.85
C ALA B 21 13.93 -8.90 -3.09
N THR B 22 13.32 -8.41 -4.17
CA THR B 22 11.92 -8.71 -4.52
C THR B 22 11.82 -10.19 -4.92
N ALA B 23 12.71 -10.64 -5.80
CA ALA B 23 12.70 -12.06 -6.23
C ALA B 23 12.83 -12.95 -5.02
N VAL B 24 13.74 -12.59 -4.10
CA VAL B 24 13.97 -13.44 -2.91
C VAL B 24 12.70 -13.49 -2.07
N ARG B 25 12.01 -12.37 -1.88
CA ARG B 25 10.80 -12.34 -1.04
C ARG B 25 9.62 -13.01 -1.72
N LEU B 26 9.47 -12.90 -3.03
CA LEU B 26 8.37 -13.62 -3.70
C LEU B 26 8.61 -15.15 -3.58
N ALA B 27 9.87 -15.59 -3.70
CA ALA B 27 10.20 -17.05 -3.61
C ALA B 27 9.98 -17.58 -2.21
N ARG B 28 10.22 -16.76 -1.21
CA ARG B 28 9.97 -17.16 0.19
C ARG B 28 8.48 -17.35 0.38
N GLU B 29 7.61 -16.65 -0.36
CA GLU B 29 6.16 -16.85 -0.25
C GLU B 29 5.68 -18.03 -1.10
N GLY B 30 6.58 -18.68 -1.84
CA GLY B 30 6.24 -19.89 -2.59
C GLY B 30 6.21 -19.70 -4.07
N ALA B 31 6.41 -18.47 -4.58
CA ALA B 31 6.38 -18.30 -6.04
C ALA B 31 7.59 -18.94 -6.72
N LEU B 32 7.35 -19.47 -7.90
CA LEU B 32 8.46 -19.82 -8.81
C LEU B 32 8.88 -18.51 -9.50
N VAL B 33 10.15 -18.12 -9.33
CA VAL B 33 10.58 -16.76 -9.80
C VAL B 33 11.54 -16.85 -10.97
N ALA B 34 11.17 -16.22 -12.08
CA ALA B 34 12.09 -15.97 -13.20
C ALA B 34 12.94 -14.73 -12.87
N VAL B 35 14.24 -14.91 -12.73
CA VAL B 35 15.25 -13.90 -12.32
C VAL B 35 15.85 -13.36 -13.59
N HIS B 36 15.36 -12.20 -14.03
CA HIS B 36 15.76 -11.64 -15.34
C HIS B 36 16.92 -10.69 -15.15
N TYR B 37 17.83 -10.66 -16.12
CA TYR B 37 18.98 -9.74 -16.13
C TYR B 37 19.35 -9.47 -17.57
N ALA B 38 20.23 -8.48 -17.76
CA ALA B 38 20.74 -8.10 -19.07
C ALA B 38 22.12 -8.65 -19.29
N SER B 39 23.03 -8.40 -18.38
CA SER B 39 24.46 -8.71 -18.64
C SER B 39 25.15 -9.35 -17.45
N ASN B 40 24.70 -9.11 -16.23
CA ASN B 40 25.47 -9.57 -15.04
C ASN B 40 24.94 -10.96 -14.69
N GLU B 41 25.42 -11.97 -15.38
CA GLU B 41 25.00 -13.38 -15.18
C GLU B 41 25.44 -13.88 -13.79
N ALA B 42 26.60 -13.47 -13.30
CA ALA B 42 27.05 -13.94 -11.96
C ALA B 42 26.06 -13.41 -10.92
N ALA B 43 25.58 -12.19 -11.03
CA ALA B 43 24.68 -11.60 -10.04
C ALA B 43 23.34 -12.32 -10.13
N ALA B 44 22.87 -12.58 -11.34
CA ALA B 44 21.62 -13.35 -11.51
C ALA B 44 21.78 -14.73 -10.86
N ASP B 45 22.91 -15.37 -11.09
CA ASP B 45 23.12 -16.73 -10.52
C ASP B 45 23.16 -16.66 -8.98
N GLU B 46 23.64 -15.58 -8.41
CA GLU B 46 23.68 -15.37 -6.93
C GLU B 46 22.24 -15.17 -6.41
N THR B 47 21.37 -14.42 -7.12
CA THR B 47 19.95 -14.30 -6.73
C THR B 47 19.34 -15.72 -6.70
N VAL B 48 19.52 -16.46 -7.76
CA VAL B 48 18.96 -17.85 -7.91
C VAL B 48 19.48 -18.70 -6.77
N ALA B 49 20.74 -18.59 -6.48
CA ALA B 49 21.38 -19.46 -5.47
C ALA B 49 20.81 -19.14 -4.11
N GLN B 50 20.54 -17.85 -3.81
CA GLN B 50 19.96 -17.47 -2.51
C GLN B 50 18.57 -18.09 -2.44
N ILE B 51 17.78 -17.97 -3.51
CA ILE B 51 16.41 -18.55 -3.51
C ILE B 51 16.46 -20.07 -3.27
N GLU B 52 17.39 -20.73 -3.93
CA GLU B 52 17.50 -22.22 -3.83
C GLU B 52 17.93 -22.59 -2.43
N ARG B 53 18.87 -21.87 -1.84
CA ARG B 53 19.30 -22.30 -0.50
C ARG B 53 18.20 -22.00 0.52
N GLU B 54 17.35 -21.01 0.28
CA GLU B 54 16.20 -20.69 1.18
C GLU B 54 15.01 -21.63 0.89
N GLY B 55 15.16 -22.60 0.00
CA GLY B 55 14.17 -23.66 -0.21
C GLY B 55 13.13 -23.34 -1.26
N GLY B 56 13.37 -22.30 -2.04
CA GLY B 56 12.47 -21.87 -3.12
C GLY B 56 12.95 -22.31 -4.47
N ARG B 57 12.28 -21.85 -5.50
CA ARG B 57 12.52 -22.25 -6.89
C ARG B 57 12.68 -20.98 -7.72
N ALA B 58 13.71 -20.97 -8.55
CA ALA B 58 13.97 -19.82 -9.46
C ALA B 58 14.83 -20.28 -10.63
N PHE B 59 14.87 -19.48 -11.68
CA PHE B 59 15.78 -19.73 -12.80
C PHE B 59 16.11 -18.42 -13.48
N PRO B 60 17.30 -18.27 -14.06
CA PRO B 60 17.68 -17.00 -14.70
C PRO B 60 17.12 -16.93 -16.12
N VAL B 61 16.85 -15.68 -16.52
CA VAL B 61 16.40 -15.36 -17.89
C VAL B 61 17.19 -14.16 -18.39
N ARG B 62 17.99 -14.35 -19.44
CA ARG B 62 18.79 -13.22 -19.95
C ARG B 62 18.01 -12.51 -21.06
N ALA B 63 17.87 -11.19 -20.97
CA ALA B 63 17.34 -10.41 -22.09
C ALA B 63 17.68 -8.95 -21.89
N GLU B 64 18.47 -8.42 -22.78
CA GLU B 64 18.71 -6.97 -22.82
C GLU B 64 17.41 -6.31 -23.26
N LEU B 65 16.91 -5.35 -22.45
CA LEU B 65 15.72 -4.61 -22.84
C LEU B 65 16.12 -3.34 -23.54
N GLY B 66 15.21 -2.85 -24.37
CA GLY B 66 15.44 -1.55 -25.05
C GLY B 66 16.04 -1.76 -26.42
N VAL B 67 15.99 -2.98 -26.93
CA VAL B 67 16.47 -3.35 -28.30
C VAL B 67 15.42 -4.22 -28.99
N ALA B 68 15.41 -4.18 -30.32
CA ALA B 68 14.55 -5.05 -31.12
C ALA B 68 14.67 -6.50 -30.62
N GLY B 69 13.53 -7.13 -30.48
CA GLY B 69 13.46 -8.54 -30.08
C GLY B 69 13.55 -8.77 -28.59
N ASP B 70 13.58 -7.72 -27.82
CA ASP B 70 13.80 -7.88 -26.34
C ASP B 70 12.67 -8.69 -25.67
N VAL B 71 11.42 -8.32 -25.90
CA VAL B 71 10.27 -9.01 -25.29
C VAL B 71 10.24 -10.45 -25.77
N HIS B 72 10.44 -10.67 -27.08
CA HIS B 72 10.48 -12.03 -27.61
C HIS B 72 11.53 -12.86 -26.84
N GLU B 73 12.74 -12.32 -26.71
CA GLU B 73 13.88 -13.05 -26.10
C GLU B 73 13.53 -13.39 -24.66
N LEU B 74 12.98 -12.46 -23.94
CA LEU B 74 12.66 -12.69 -22.50
C LEU B 74 11.58 -13.78 -22.42
N PHE B 75 10.50 -13.66 -23.22
CA PHE B 75 9.39 -14.64 -23.14
C PHE B 75 9.83 -16.01 -23.66
N LEU B 76 10.81 -16.08 -24.54
CA LEU B 76 11.29 -17.45 -24.95
C LEU B 76 11.87 -18.15 -23.71
N GLY B 77 12.78 -17.46 -23.02
CA GLY B 77 13.41 -18.00 -21.81
C GLY B 77 12.43 -18.26 -20.69
N LEU B 78 11.53 -17.33 -20.45
CA LEU B 78 10.52 -17.45 -19.37
C LEU B 78 9.60 -18.65 -19.61
N GLU B 79 9.06 -18.74 -20.83
CA GLU B 79 8.13 -19.84 -21.11
C GLU B 79 8.84 -21.18 -21.08
N GLN B 80 10.08 -21.24 -21.57
CA GLN B 80 10.80 -22.54 -21.56
C GLN B 80 10.97 -22.94 -20.10
N GLY B 81 11.40 -22.01 -19.26
CA GLY B 81 11.70 -22.36 -17.85
C GLY B 81 10.45 -22.67 -17.05
N LEU B 82 9.35 -21.97 -17.30
CA LEU B 82 8.06 -22.27 -16.63
C LEU B 82 7.60 -23.67 -17.07
N LYS B 83 7.66 -23.95 -18.37
CA LYS B 83 7.12 -25.19 -18.94
C LYS B 83 7.92 -26.37 -18.35
N GLU B 84 9.23 -26.26 -18.29
CA GLU B 84 10.08 -27.34 -17.72
C GLU B 84 9.71 -27.61 -16.28
N ARG B 85 9.40 -26.59 -15.51
CA ARG B 85 9.24 -26.72 -14.06
C ARG B 85 7.77 -26.97 -13.67
N THR B 86 6.79 -26.69 -14.51
CA THR B 86 5.36 -26.71 -14.12
C THR B 86 4.47 -27.42 -15.14
N GLY B 87 4.93 -27.54 -16.38
CA GLY B 87 4.15 -27.98 -17.54
C GLY B 87 3.25 -26.92 -18.12
N GLU B 88 3.30 -25.69 -17.57
CA GLU B 88 2.45 -24.58 -18.02
C GLU B 88 3.31 -23.34 -18.22
N THR B 89 2.72 -22.35 -18.87
CA THR B 89 3.42 -21.04 -19.09
C THR B 89 2.72 -19.90 -18.35
N THR B 90 1.86 -20.19 -17.40
CA THR B 90 1.09 -19.19 -16.63
C THR B 90 2.03 -18.20 -15.92
N LEU B 91 1.78 -16.93 -16.13
CA LEU B 91 2.49 -15.85 -15.46
C LEU B 91 1.51 -15.08 -14.58
N ASP B 92 1.66 -15.27 -13.26
CA ASP B 92 0.70 -14.68 -12.30
C ASP B 92 1.10 -13.22 -12.03
N ILE B 93 2.40 -12.97 -11.92
CA ILE B 93 2.97 -11.72 -11.38
C ILE B 93 4.04 -11.23 -12.34
N LEU B 94 3.96 -9.97 -12.74
CA LEU B 94 4.99 -9.25 -13.51
C LEU B 94 5.43 -8.06 -12.68
N VAL B 95 6.72 -7.99 -12.35
CA VAL B 95 7.27 -6.81 -11.67
C VAL B 95 8.18 -6.15 -12.70
N ASN B 96 7.84 -4.95 -13.16
CA ASN B 96 8.66 -4.13 -14.09
C ASN B 96 9.58 -3.35 -13.19
N ASN B 97 10.68 -3.96 -12.83
CA ASN B 97 11.70 -3.40 -11.93
C ASN B 97 12.95 -2.90 -12.70
N ALA B 98 13.36 -3.62 -13.73
CA ALA B 98 14.58 -3.26 -14.48
C ALA B 98 14.50 -1.82 -14.97
N ALA B 99 15.63 -1.13 -14.93
CA ALA B 99 15.71 0.23 -15.46
C ALA B 99 17.17 0.61 -15.68
N VAL B 100 17.34 1.57 -16.60
CA VAL B 100 18.57 2.40 -16.72
C VAL B 100 18.44 3.42 -15.60
N THR B 101 19.37 3.41 -14.64
CA THR B 101 19.18 4.16 -13.38
C THR B 101 20.58 4.56 -12.98
N GLY B 102 20.97 5.82 -13.29
CA GLY B 102 22.31 6.45 -13.22
C GLY B 102 22.56 7.31 -11.98
N VAL B 103 23.44 6.87 -11.07
CA VAL B 103 23.66 7.54 -9.75
C VAL B 103 24.24 8.93 -10.04
N ASP B 104 25.03 8.97 -11.09
CA ASP B 104 25.77 10.13 -11.56
C ASP B 104 24.73 11.22 -11.95
N GLY B 105 23.64 10.80 -12.56
CA GLY B 105 22.67 11.68 -13.24
C GLY B 105 23.29 12.39 -14.43
N ILE B 106 22.52 13.28 -15.02
CA ILE B 106 22.90 14.07 -16.22
C ILE B 106 22.22 15.41 -16.07
N LEU B 107 22.93 16.51 -15.89
CA LEU B 107 22.28 17.84 -15.79
C LEU B 107 21.60 18.15 -17.11
N PRO B 108 20.56 19.03 -17.12
CA PRO B 108 19.80 19.23 -18.35
C PRO B 108 20.63 19.68 -19.53
N GLU B 109 21.62 20.56 -19.29
CA GLU B 109 22.45 21.10 -20.39
C GLU B 109 23.21 20.00 -21.11
N ASP B 110 23.45 18.85 -20.49
CA ASP B 110 24.35 17.80 -20.99
C ASP B 110 23.56 16.62 -21.54
N VAL B 111 22.24 16.56 -21.35
CA VAL B 111 21.43 15.43 -21.87
C VAL B 111 21.51 15.33 -23.41
N THR B 112 21.63 14.13 -23.94
CA THR B 112 21.63 13.88 -25.40
C THR B 112 20.32 13.26 -25.83
N ALA B 113 20.01 13.35 -27.11
CA ALA B 113 18.85 12.70 -27.77
C ALA B 113 18.99 11.19 -27.54
N GLU B 114 20.21 10.65 -27.57
CA GLU B 114 20.43 9.18 -27.46
C GLU B 114 20.20 8.76 -26.01
N GLN B 115 20.50 9.59 -25.02
CA GLN B 115 20.22 9.24 -23.61
C GLN B 115 18.71 9.26 -23.40
N LEU B 116 18.02 10.23 -23.95
CA LEU B 116 16.53 10.28 -23.88
C LEU B 116 15.93 9.00 -24.49
N ASP B 117 16.50 8.52 -25.60
CA ASP B 117 16.02 7.31 -26.29
C ASP B 117 16.27 6.10 -25.38
N ARG B 118 17.46 5.97 -24.83
CA ARG B 118 17.85 4.73 -24.11
C ARG B 118 16.99 4.66 -22.87
N TYR B 119 16.91 5.75 -22.13
CA TYR B 119 16.08 5.72 -20.91
C TYR B 119 14.65 5.34 -21.27
N TYR B 120 14.06 5.96 -22.28
CA TYR B 120 12.66 5.65 -22.64
CA TYR B 120 12.67 5.67 -22.71
C TYR B 120 12.54 4.20 -23.09
N ALA B 121 13.48 3.73 -23.92
CA ALA B 121 13.40 2.35 -24.45
C ALA B 121 13.30 1.34 -23.30
N VAL B 122 14.18 1.48 -22.32
CA VAL B 122 14.31 0.49 -21.24
C VAL B 122 13.21 0.72 -20.18
N ASN B 123 12.98 2.00 -19.83
CA ASN B 123 12.22 2.35 -18.62
C ASN B 123 10.71 2.53 -18.86
N ALA B 124 10.24 2.71 -20.09
CA ALA B 124 8.84 3.03 -20.38
C ALA B 124 8.35 2.18 -21.54
N LYS B 125 9.03 2.20 -22.64
CA LYS B 125 8.64 1.37 -23.80
C LYS B 125 8.65 -0.11 -23.47
N ALA B 126 9.75 -0.59 -22.93
CA ALA B 126 9.87 -2.01 -22.61
C ALA B 126 8.80 -2.43 -21.61
N PRO B 127 8.60 -1.73 -20.45
CA PRO B 127 7.52 -2.10 -19.55
C PRO B 127 6.16 -2.17 -20.22
N PHE B 128 5.85 -1.24 -21.10
CA PHE B 128 4.58 -1.23 -21.83
C PHE B 128 4.45 -2.53 -22.62
N LEU B 129 5.48 -2.84 -23.39
CA LEU B 129 5.40 -4.00 -24.27
C LEU B 129 5.46 -5.31 -23.47
N LEU B 130 6.15 -5.30 -22.33
CA LEU B 130 6.12 -6.46 -21.44
C LEU B 130 4.73 -6.69 -20.87
N VAL B 131 4.07 -5.65 -20.41
CA VAL B 131 2.66 -5.82 -19.94
C VAL B 131 1.83 -6.42 -21.07
N GLN B 132 1.94 -5.85 -22.28
CA GLN B 132 1.08 -6.31 -23.43
C GLN B 132 1.29 -7.80 -23.63
N ARG B 133 2.54 -8.25 -23.55
CA ARG B 133 2.86 -9.69 -23.82
C ARG B 133 2.46 -10.53 -22.62
N ALA B 134 2.72 -10.04 -21.40
CA ALA B 134 2.54 -10.82 -20.19
C ALA B 134 1.06 -11.18 -20.01
N VAL B 135 0.16 -10.30 -20.37
CA VAL B 135 -1.27 -10.56 -20.03
C VAL B 135 -1.76 -11.76 -20.84
N ARG B 136 -1.08 -12.15 -21.92
CA ARG B 136 -1.57 -13.31 -22.68
C ARG B 136 -1.55 -14.54 -21.78
N ASN B 137 -0.54 -14.59 -20.92
CA ASN B 137 -0.23 -15.74 -20.05
C ASN B 137 -0.88 -15.58 -18.66
N MET B 138 -1.55 -14.47 -18.36
CA MET B 138 -1.86 -14.08 -16.98
C MET B 138 -3.34 -14.37 -16.73
N PRO B 139 -3.63 -15.04 -15.63
CA PRO B 139 -5.01 -15.35 -15.30
C PRO B 139 -5.70 -14.19 -14.61
N ASP B 140 -7.00 -14.32 -14.52
CA ASP B 140 -7.81 -13.44 -13.67
C ASP B 140 -7.21 -13.51 -12.26
N GLY B 141 -6.94 -12.37 -11.63
CA GLY B 141 -6.32 -12.35 -10.31
C GLY B 141 -4.84 -12.02 -10.36
N GLY B 142 -4.30 -11.78 -11.57
CA GLY B 142 -2.88 -11.48 -11.72
C GLY B 142 -2.49 -10.13 -11.20
N ARG B 143 -1.19 -9.87 -11.26
CA ARG B 143 -0.62 -8.68 -10.67
C ARG B 143 0.42 -8.12 -11.60
N ILE B 144 0.32 -6.85 -11.95
CA ILE B 144 1.39 -6.06 -12.62
C ILE B 144 1.82 -4.94 -11.71
N ILE B 145 3.12 -4.91 -11.41
CA ILE B 145 3.70 -3.98 -10.46
C ILE B 145 4.82 -3.22 -11.17
N ASN B 146 4.65 -1.91 -11.30
CA ASN B 146 5.63 -1.05 -11.97
C ASN B 146 6.47 -0.37 -10.91
N ILE B 147 7.78 -0.50 -10.97
CA ILE B 147 8.64 0.17 -9.99
C ILE B 147 8.94 1.59 -10.53
N SER B 148 8.43 2.61 -9.85
CA SER B 148 8.63 3.99 -10.29
C SER B 148 9.77 4.58 -9.48
N SER B 149 9.58 5.82 -9.07
CA SER B 149 10.55 6.62 -8.28
C SER B 149 9.82 7.77 -7.65
N GLY B 150 10.22 8.15 -6.44
CA GLY B 150 9.75 9.38 -5.85
C GLY B 150 10.14 10.61 -6.62
N LEU B 151 11.10 10.49 -7.55
CA LEU B 151 11.45 11.65 -8.41
C LEU B 151 10.31 12.07 -9.30
N THR B 152 9.22 11.31 -9.46
CA THR B 152 8.10 11.84 -10.26
C THR B 152 7.39 12.94 -9.45
N ARG B 153 7.68 13.08 -8.17
CA ARG B 153 7.02 14.04 -7.26
CA ARG B 153 7.03 14.10 -7.31
C ARG B 153 8.04 14.98 -6.59
N CYS B 154 9.32 14.86 -6.90
CA CYS B 154 10.41 15.53 -6.18
CA CYS B 154 10.43 15.55 -6.18
C CYS B 154 11.42 16.04 -7.21
N ALA B 155 11.55 17.37 -7.39
CA ALA B 155 12.36 17.90 -8.48
C ALA B 155 13.84 17.69 -8.21
N VAL B 156 14.52 17.10 -9.21
CA VAL B 156 15.96 16.83 -9.17
C VAL B 156 16.45 17.00 -10.61
N PRO B 157 16.95 18.19 -10.95
CA PRO B 157 17.33 18.46 -12.33
C PRO B 157 18.27 17.43 -12.96
N GLU B 158 19.22 16.87 -12.19
CA GLU B 158 20.20 15.91 -12.78
C GLU B 158 19.54 14.57 -13.06
N GLN B 159 18.27 14.38 -12.73
CA GLN B 159 17.57 13.14 -13.06
C GLN B 159 16.40 13.47 -13.98
N VAL B 160 16.44 14.55 -14.72
CA VAL B 160 15.28 14.84 -15.59
C VAL B 160 15.01 13.75 -16.63
N ALA B 161 16.03 13.24 -17.32
CA ALA B 161 15.79 12.28 -18.43
C ALA B 161 15.20 11.01 -17.84
N TYR B 162 15.75 10.55 -16.76
CA TYR B 162 15.25 9.35 -16.04
C TYR B 162 13.83 9.60 -15.55
N SER B 163 13.58 10.75 -14.97
CA SER B 163 12.25 11.01 -14.32
C SER B 163 11.18 11.09 -15.41
N MET B 164 11.55 11.62 -16.62
CA MET B 164 10.55 11.64 -17.74
C MET B 164 10.02 10.23 -17.91
N THR B 165 10.92 9.22 -17.90
CA THR B 165 10.54 7.84 -18.18
C THR B 165 9.71 7.25 -17.07
N LYS B 166 9.93 7.63 -15.82
CA LYS B 166 9.09 7.17 -14.72
C LYS B 166 7.75 7.87 -14.72
N GLY B 167 7.66 9.12 -15.23
CA GLY B 167 6.35 9.72 -15.49
C GLY B 167 5.58 8.92 -16.51
N ALA B 168 6.22 8.46 -17.59
CA ALA B 168 5.56 7.64 -18.62
C ALA B 168 5.17 6.28 -18.01
N LEU B 169 6.01 5.70 -17.16
CA LEU B 169 5.72 4.41 -16.52
C LEU B 169 4.45 4.55 -15.69
N GLU B 170 4.30 5.63 -14.93
CA GLU B 170 3.09 5.81 -14.07
C GLU B 170 1.83 5.90 -14.90
N GLN B 171 1.96 6.39 -16.14
CA GLN B 171 0.77 6.39 -17.01
C GLN B 171 0.40 4.98 -17.44
N ILE B 172 1.40 4.10 -17.65
CA ILE B 172 1.09 2.68 -17.88
C ILE B 172 0.21 2.18 -16.72
N THR B 173 0.59 2.48 -15.48
CA THR B 173 -0.22 2.07 -14.32
C THR B 173 -1.65 2.58 -14.41
N LEU B 174 -1.81 3.85 -14.69
CA LEU B 174 -3.16 4.48 -14.61
C LEU B 174 -4.04 3.83 -15.66
N HIS B 175 -3.60 3.89 -16.92
CA HIS B 175 -4.48 3.56 -18.06
C HIS B 175 -4.66 2.04 -18.15
N MET B 176 -3.61 1.29 -17.89
CA MET B 176 -3.73 -0.18 -17.92
C MET B 176 -4.50 -0.72 -16.73
N ALA B 177 -4.45 -0.11 -15.54
CA ALA B 177 -5.33 -0.55 -14.46
C ALA B 177 -6.75 -0.52 -14.95
N LYS B 178 -7.18 0.55 -15.62
CA LYS B 178 -8.59 0.57 -16.09
C LYS B 178 -8.83 -0.51 -17.13
N HIS B 179 -7.88 -0.66 -18.05
CA HIS B 179 -8.04 -1.60 -19.18
C HIS B 179 -8.17 -3.03 -18.65
N LEU B 180 -7.39 -3.38 -17.65
CA LEU B 180 -7.26 -4.79 -17.20
C LEU B 180 -8.21 -5.15 -16.04
N ALA B 181 -8.85 -4.16 -15.40
CA ALA B 181 -9.73 -4.46 -14.25
C ALA B 181 -10.81 -5.50 -14.59
N PRO B 182 -11.40 -5.52 -15.82
CA PRO B 182 -12.42 -6.53 -16.09
C PRO B 182 -11.88 -7.95 -16.00
N ARG B 183 -10.57 -8.11 -16.16
CA ARG B 183 -9.94 -9.43 -16.04
C ARG B 183 -9.47 -9.67 -14.61
N GLY B 184 -9.68 -8.76 -13.69
CA GLY B 184 -9.26 -8.97 -12.29
C GLY B 184 -7.74 -8.89 -12.15
N ILE B 185 -7.06 -8.26 -13.09
CA ILE B 185 -5.60 -8.07 -13.00
C ILE B 185 -5.37 -6.66 -12.45
N THR B 186 -4.65 -6.52 -11.35
CA THR B 186 -4.37 -5.18 -10.78
C THR B 186 -3.07 -4.66 -11.39
N VAL B 187 -2.97 -3.36 -11.45
CA VAL B 187 -1.76 -2.67 -11.98
C VAL B 187 -1.46 -1.51 -11.06
N ASN B 188 -0.26 -1.51 -10.49
CA ASN B 188 0.07 -0.49 -9.46
C ASN B 188 1.51 -0.06 -9.60
N SER B 189 1.78 1.19 -9.24
CA SER B 189 3.15 1.74 -9.15
C SER B 189 3.65 1.64 -7.71
N VAL B 190 4.88 1.20 -7.49
CA VAL B 190 5.51 1.32 -6.17
C VAL B 190 6.68 2.25 -6.34
N ALA B 191 6.76 3.31 -5.57
CA ALA B 191 7.77 4.36 -5.79
C ALA B 191 8.76 4.32 -4.66
N PRO B 192 9.98 3.84 -4.92
CA PRO B 192 11.02 3.94 -3.90
C PRO B 192 11.56 5.37 -3.82
N GLY B 193 12.19 5.67 -2.68
CA GLY B 193 13.13 6.78 -2.56
C GLY B 193 14.55 6.30 -2.74
N ILE B 194 15.50 7.00 -2.15
CA ILE B 194 16.92 6.56 -2.25
C ILE B 194 17.02 5.22 -1.52
N THR B 195 17.51 4.21 -2.24
CA THR B 195 17.56 2.85 -1.71
C THR B 195 18.93 2.26 -2.02
N ASP B 196 19.55 1.69 -0.98
CA ASP B 196 20.83 0.99 -1.09
C ASP B 196 20.68 -0.25 -2.00
N ASN B 197 21.25 -0.23 -3.18
CA ASN B 197 21.22 -1.30 -4.19
C ASN B 197 22.55 -2.05 -4.27
N GLY B 198 23.42 -1.81 -3.30
CA GLY B 198 24.77 -2.44 -3.32
C GLY B 198 25.79 -1.71 -4.14
N GLY B 199 25.44 -0.60 -4.78
CA GLY B 199 26.37 0.20 -5.60
C GLY B 199 27.46 0.84 -4.76
N ALA B 200 28.57 1.25 -5.39
CA ALA B 200 29.73 1.74 -4.63
C ALA B 200 29.39 2.99 -3.86
N VAL B 201 28.44 3.78 -4.31
CA VAL B 201 28.11 5.04 -3.58
C VAL B 201 27.67 4.70 -2.15
N PHE B 202 27.08 3.52 -1.91
CA PHE B 202 26.52 3.16 -0.58
C PHE B 202 27.66 2.71 0.36
N ASP B 203 28.91 2.68 -0.14
CA ASP B 203 30.09 2.31 0.68
C ASP B 203 30.75 3.60 1.14
N ILE B 204 30.22 4.78 0.81
CA ILE B 204 30.84 6.07 1.16
C ILE B 204 29.97 6.75 2.22
N PRO B 205 30.26 6.54 3.54
CA PRO B 205 29.37 6.97 4.62
C PRO B 205 28.97 8.46 4.57
N GLU B 206 29.93 9.31 4.23
CA GLU B 206 29.69 10.76 4.00
C GLU B 206 28.47 10.94 3.07
N ILE B 207 28.49 10.29 1.91
CA ILE B 207 27.45 10.51 0.86
C ILE B 207 26.15 9.87 1.38
N VAL B 208 26.25 8.70 2.01
CA VAL B 208 25.06 7.96 2.53
C VAL B 208 24.38 8.88 3.54
N GLU B 209 25.16 9.59 4.34
CA GLU B 209 24.57 10.49 5.37
C GLU B 209 23.84 11.66 4.68
N GLN B 210 24.35 12.25 3.60
CA GLN B 210 23.62 13.29 2.85
C GLN B 210 22.33 12.66 2.27
N MET B 211 22.44 11.52 1.61
CA MET B 211 21.28 10.85 0.96
C MET B 211 20.20 10.58 2.02
N ALA B 212 20.61 10.15 3.19
CA ALA B 212 19.70 9.75 4.31
C ALA B 212 18.76 10.91 4.66
N GLN B 213 19.18 12.16 4.45
CA GLN B 213 18.39 13.33 4.90
C GLN B 213 17.09 13.46 4.10
N SER B 214 17.00 12.83 2.93
CA SER B 214 15.84 12.92 2.03
C SER B 214 14.66 12.17 2.69
N SER B 215 14.92 11.14 3.49
CA SER B 215 13.85 10.32 4.11
C SER B 215 13.42 10.98 5.41
N ALA B 216 12.14 10.90 5.78
CA ALA B 216 11.68 11.42 7.08
C ALA B 216 12.34 10.64 8.25
N PHE B 217 12.76 9.40 7.99
CA PHE B 217 13.40 8.52 8.98
C PHE B 217 14.92 8.73 9.04
N LYS B 218 15.45 9.56 8.17
CA LYS B 218 16.88 9.96 8.19
C LYS B 218 17.78 8.72 8.05
N ARG B 219 17.33 7.79 7.20
CA ARG B 219 18.20 6.69 6.73
C ARG B 219 17.88 6.50 5.25
N VAL B 220 18.83 5.93 4.52
CA VAL B 220 18.49 5.43 3.18
C VAL B 220 17.60 4.19 3.33
N GLY B 221 16.80 3.90 2.30
CA GLY B 221 16.03 2.65 2.25
C GLY B 221 16.95 1.46 2.05
N GLU B 222 16.54 0.33 2.59
CA GLU B 222 17.18 -0.98 2.27
C GLU B 222 16.36 -1.53 1.12
N ALA B 223 16.99 -2.33 0.29
CA ALA B 223 16.27 -2.96 -0.83
C ALA B 223 15.07 -3.75 -0.28
N GLY B 224 15.20 -4.41 0.89
CA GLY B 224 14.07 -5.16 1.44
C GLY B 224 12.90 -4.27 1.90
N ASP B 225 13.14 -3.00 2.20
CA ASP B 225 12.04 -2.11 2.68
C ASP B 225 11.09 -1.89 1.51
N VAL B 226 11.64 -1.75 0.32
CA VAL B 226 10.82 -1.60 -0.92
C VAL B 226 10.24 -2.96 -1.32
N ALA B 227 11.10 -4.00 -1.33
CA ALA B 227 10.67 -5.34 -1.70
C ALA B 227 9.53 -5.84 -0.85
N ASP B 228 9.50 -5.53 0.43
CA ASP B 228 8.41 -5.97 1.30
C ASP B 228 7.08 -5.42 0.79
N VAL B 229 7.08 -4.16 0.31
CA VAL B 229 5.85 -3.53 -0.16
C VAL B 229 5.47 -4.19 -1.47
N VAL B 230 6.43 -4.39 -2.39
CA VAL B 230 6.11 -5.05 -3.68
C VAL B 230 5.51 -6.44 -3.42
N THR B 231 6.07 -7.18 -2.48
CA THR B 231 5.61 -8.53 -2.13
C THR B 231 4.16 -8.47 -1.69
N PHE B 232 3.80 -7.52 -0.81
CA PHE B 232 2.39 -7.39 -0.38
C PHE B 232 1.49 -7.16 -1.61
N ILE B 233 1.89 -6.21 -2.50
CA ILE B 233 1.04 -5.95 -3.70
C ILE B 233 0.86 -7.21 -4.52
N ALA B 234 1.87 -8.07 -4.57
CA ALA B 234 1.76 -9.36 -5.33
C ALA B 234 0.77 -10.38 -4.70
N THR B 235 0.35 -10.18 -3.45
CA THR B 235 -0.55 -11.10 -2.74
C THR B 235 -2.02 -10.87 -3.01
N ASP B 236 -2.84 -11.82 -2.58
CA ASP B 236 -4.31 -11.72 -2.76
C ASP B 236 -4.86 -10.52 -1.96
N GLU B 237 -4.27 -10.17 -0.81
CA GLU B 237 -4.84 -9.20 0.13
C GLU B 237 -4.76 -7.77 -0.44
N SER B 238 -4.09 -7.56 -1.56
CA SER B 238 -4.00 -6.23 -2.21
C SER B 238 -5.09 -6.09 -3.29
N ARG B 239 -6.04 -7.03 -3.41
CA ARG B 239 -6.96 -7.10 -4.55
C ARG B 239 -7.72 -5.79 -4.77
N TRP B 240 -7.97 -5.01 -3.72
CA TRP B 240 -8.83 -3.83 -3.88
C TRP B 240 -7.97 -2.60 -4.15
N ILE B 241 -6.68 -2.76 -4.39
CA ILE B 241 -5.74 -1.69 -4.79
C ILE B 241 -5.44 -1.90 -6.26
N THR B 242 -5.83 -0.93 -7.08
CA THR B 242 -5.43 -0.89 -8.49
C THR B 242 -5.31 0.55 -8.96
N GLY B 243 -4.47 0.74 -9.97
CA GLY B 243 -4.22 2.09 -10.51
C GLY B 243 -3.53 3.03 -9.56
N ALA B 244 -2.88 2.55 -8.50
CA ALA B 244 -2.43 3.36 -7.37
C ALA B 244 -0.96 3.71 -7.51
N PHE B 245 -0.59 4.79 -6.87
CA PHE B 245 0.78 5.22 -6.56
C PHE B 245 1.04 4.84 -5.11
N ILE B 246 1.87 3.83 -4.85
CA ILE B 246 2.18 3.37 -3.50
C ILE B 246 3.56 3.91 -3.15
N ASP B 247 3.59 4.77 -2.17
CA ASP B 247 4.80 5.46 -1.69
C ASP B 247 5.57 4.49 -0.81
N ALA B 248 6.72 3.99 -1.31
CA ALA B 248 7.61 3.14 -0.52
C ALA B 248 8.96 3.85 -0.37
N SER B 249 8.91 5.12 0.03
CA SER B 249 10.09 6.02 0.03
C SER B 249 10.61 6.34 1.44
N GLY B 250 10.03 5.76 2.51
CA GLY B 250 10.42 6.15 3.86
C GLY B 250 10.11 7.62 4.09
N GLY B 251 8.98 8.11 3.63
CA GLY B 251 8.56 9.50 3.91
C GLY B 251 9.45 10.54 3.22
N THR B 252 9.90 10.26 2.03
CA THR B 252 10.68 11.23 1.22
C THR B 252 9.76 12.29 0.62
N LEU B 253 8.51 11.97 0.40
CA LEU B 253 7.59 12.88 -0.35
C LEU B 253 6.73 13.70 0.60
N LEU B 254 7.25 14.05 1.75
CA LEU B 254 6.47 14.86 2.73
C LEU B 254 6.63 16.34 2.33
N GLY B 255 7.19 16.61 1.14
CA GLY B 255 7.26 17.97 0.56
C GLY B 255 8.33 18.83 1.21
#